data_1GP7
#
_entry.id   1GP7
#
_cell.length_a   117.920
_cell.length_b   62.940
_cell.length_c   57.160
_cell.angle_alpha   90.00
_cell.angle_beta   100.93
_cell.angle_gamma   90.00
#
_symmetry.space_group_name_H-M   'C 1 2 1'
#
loop_
_entity.id
_entity.type
_entity.pdbx_description
1 polymer 'PHOSPHOLIPASE A2'
2 non-polymer 'CALCIUM ION'
3 water water
#
_entity_poly.entity_id   1
_entity_poly.type   'polypeptide(L)'
_entity_poly.pdbx_seq_one_letter_code
;MNPAHLLVLSAVCVSLLGASSIPPQPLHLIQFGNMIQCTVPGFLSWIKYADYGCYCGAGGSGTPVDKLDRCCQVHDNCYT
QAQKLPACSSIMDSPYVKIYSYDCSERTVTCKADNDECAAFICNCDRVAAHCFAASPYNNNNYNIDTTTRC
;
_entity_poly.pdbx_strand_id   A,B,C
#
# COMPACT_ATOMS: atom_id res chain seq x y z
N HIS A 28 5.33 -2.94 -9.58
CA HIS A 28 3.94 -2.48 -9.40
C HIS A 28 3.72 -1.15 -10.13
N LEU A 29 2.59 -1.04 -10.83
CA LEU A 29 2.24 0.16 -11.59
C LEU A 29 2.37 1.44 -10.81
N ILE A 30 2.10 1.38 -9.51
CA ILE A 30 2.22 2.57 -8.68
C ILE A 30 3.68 3.01 -8.64
N GLN A 31 4.60 2.04 -8.60
CA GLN A 31 6.01 2.33 -8.56
C GLN A 31 6.45 2.87 -9.91
N PHE A 32 5.87 2.34 -10.98
CA PHE A 32 6.19 2.81 -12.33
C PHE A 32 5.85 4.30 -12.38
N GLY A 33 4.72 4.66 -11.79
CA GLY A 33 4.32 6.06 -11.77
C GLY A 33 5.36 6.91 -11.05
N ASN A 34 5.88 6.42 -9.94
CA ASN A 34 6.89 7.16 -9.19
C ASN A 34 8.20 7.30 -9.98
N MET A 35 8.53 6.29 -10.78
CA MET A 35 9.75 6.35 -11.58
C MET A 35 9.61 7.49 -12.57
N ILE A 36 8.43 7.62 -13.17
CA ILE A 36 8.18 8.67 -14.14
C ILE A 36 8.40 10.01 -13.44
N GLN A 37 7.97 10.09 -12.19
CA GLN A 37 8.11 11.33 -11.43
C GLN A 37 9.59 11.55 -11.14
N CYS A 38 10.36 10.47 -11.19
CA CYS A 38 11.79 10.56 -10.93
C CYS A 38 12.59 11.12 -12.11
N THR A 39 12.40 10.54 -13.30
CA THR A 39 13.15 10.99 -14.47
C THR A 39 12.69 12.32 -15.12
N VAL A 40 11.40 12.66 -15.01
CA VAL A 40 10.87 13.90 -15.56
C VAL A 40 10.11 14.65 -14.47
N PRO A 41 10.82 15.15 -13.44
CA PRO A 41 10.11 15.86 -12.37
C PRO A 41 9.42 17.18 -12.74
N GLY A 42 8.29 17.42 -12.10
CA GLY A 42 7.53 18.63 -12.31
C GLY A 42 7.31 19.01 -13.75
N PHE A 43 6.70 18.12 -14.51
CA PHE A 43 6.40 18.41 -15.91
C PHE A 43 4.92 18.14 -16.16
N LEU A 44 4.55 16.86 -16.08
CA LEU A 44 3.18 16.42 -16.30
C LEU A 44 2.82 15.33 -15.31
N SER A 45 1.54 15.21 -14.97
CA SER A 45 1.08 14.18 -14.04
C SER A 45 1.10 12.81 -14.72
N TRP A 46 0.99 11.75 -13.92
CA TRP A 46 1.03 10.39 -14.43
C TRP A 46 0.03 10.09 -15.51
N ILE A 47 -1.13 10.75 -15.44
CA ILE A 47 -2.18 10.49 -16.41
C ILE A 47 -1.84 10.91 -17.84
N LYS A 48 -0.85 11.79 -18.00
CA LYS A 48 -0.45 12.26 -19.34
C LYS A 48 0.30 11.19 -20.13
N TYR A 49 0.79 10.16 -19.44
CA TYR A 49 1.54 9.09 -20.08
C TYR A 49 0.74 7.80 -19.99
N ALA A 50 -0.47 7.89 -19.44
CA ALA A 50 -1.32 6.71 -19.28
C ALA A 50 -2.31 6.55 -20.43
N ASP A 51 -2.58 7.65 -21.13
CA ASP A 51 -3.50 7.60 -22.24
C ASP A 51 -2.90 8.46 -23.36
N TYR A 52 -1.95 7.86 -24.07
CA TYR A 52 -1.25 8.58 -25.12
C TYR A 52 -0.94 7.64 -26.28
N GLY A 53 -1.02 8.16 -27.50
CA GLY A 53 -0.72 7.37 -28.67
C GLY A 53 -1.49 6.07 -28.77
N CYS A 54 -0.98 5.17 -29.59
CA CYS A 54 -1.62 3.89 -29.79
C CYS A 54 -1.19 2.83 -28.78
N TYR A 55 -0.13 3.11 -28.02
CA TYR A 55 0.37 2.14 -27.06
C TYR A 55 0.37 2.52 -25.59
N CYS A 56 0.46 3.79 -25.25
CA CYS A 56 0.46 4.18 -23.85
C CYS A 56 -0.99 4.13 -23.36
N GLY A 57 -1.36 3.02 -22.73
CA GLY A 57 -2.73 2.88 -22.27
C GLY A 57 -3.22 1.50 -22.65
N ALA A 58 -4.27 1.02 -22.03
CA ALA A 58 -4.81 -0.31 -22.29
C ALA A 58 -4.54 -0.84 -23.71
N GLY A 59 -4.03 -2.06 -23.77
CA GLY A 59 -3.74 -2.69 -25.05
C GLY A 59 -2.82 -1.84 -25.92
N GLY A 60 -2.72 -2.18 -27.20
CA GLY A 60 -1.89 -1.43 -28.10
C GLY A 60 -1.95 -2.08 -29.46
N SER A 61 -1.94 -1.28 -30.51
CA SER A 61 -1.99 -1.82 -31.85
C SER A 61 -1.64 -0.76 -32.88
N GLY A 62 -1.43 -1.19 -34.11
CA GLY A 62 -1.07 -0.26 -35.16
C GLY A 62 0.36 0.23 -35.09
N THR A 63 0.62 1.37 -35.70
CA THR A 63 1.95 1.94 -35.71
C THR A 63 2.07 3.08 -34.69
N PRO A 64 3.15 3.06 -33.89
CA PRO A 64 3.35 4.10 -32.88
C PRO A 64 3.30 5.46 -33.54
N VAL A 65 2.47 6.36 -33.01
CA VAL A 65 2.34 7.68 -33.57
C VAL A 65 3.64 8.50 -33.52
N ASP A 66 4.43 8.30 -32.48
CA ASP A 66 5.69 9.03 -32.35
C ASP A 66 6.68 8.33 -31.43
N LYS A 67 7.81 8.98 -31.16
CA LYS A 67 8.85 8.40 -30.33
C LYS A 67 8.38 7.99 -28.93
N LEU A 68 7.58 8.83 -28.28
CA LEU A 68 7.08 8.52 -26.96
C LEU A 68 6.19 7.29 -27.02
N ASP A 69 5.32 7.25 -28.01
CA ASP A 69 4.40 6.13 -28.19
C ASP A 69 5.27 4.87 -28.38
N ARG A 70 6.39 5.05 -29.06
CA ARG A 70 7.32 3.96 -29.32
C ARG A 70 7.84 3.40 -27.99
N CYS A 71 8.07 4.29 -27.02
CA CYS A 71 8.54 3.88 -25.71
C CYS A 71 7.52 2.91 -25.10
N CYS A 72 6.24 3.24 -25.25
CA CYS A 72 5.19 2.41 -24.71
C CYS A 72 5.06 1.07 -25.41
N GLN A 73 5.29 1.05 -26.72
CA GLN A 73 5.22 -0.19 -27.46
C GLN A 73 6.24 -1.19 -26.90
N VAL A 74 7.45 -0.70 -26.68
CA VAL A 74 8.51 -1.54 -26.14
C VAL A 74 8.12 -2.00 -24.73
N HIS A 75 7.56 -1.08 -23.94
CA HIS A 75 7.15 -1.40 -22.57
C HIS A 75 6.09 -2.52 -22.57
N ASP A 76 5.17 -2.48 -23.53
CA ASP A 76 4.15 -3.50 -23.63
C ASP A 76 4.82 -4.85 -23.85
N ASN A 77 5.68 -4.92 -24.86
CA ASN A 77 6.40 -6.15 -25.18
C ASN A 77 7.14 -6.64 -23.95
N CYS A 78 7.83 -5.74 -23.28
CA CYS A 78 8.59 -6.10 -22.10
C CYS A 78 7.70 -6.81 -21.09
N TYR A 79 6.50 -6.27 -20.89
CA TYR A 79 5.53 -6.85 -19.97
C TYR A 79 5.07 -8.24 -20.45
N THR A 80 4.93 -8.39 -21.76
CA THR A 80 4.51 -9.66 -22.33
C THR A 80 5.61 -10.69 -22.08
N GLN A 81 6.86 -10.24 -22.14
CA GLN A 81 8.01 -11.10 -21.91
C GLN A 81 8.06 -11.53 -20.45
N ALA A 82 7.66 -10.64 -19.55
CA ALA A 82 7.66 -10.95 -18.12
C ALA A 82 6.67 -12.06 -17.81
N GLN A 83 5.53 -12.04 -18.49
CA GLN A 83 4.50 -13.06 -18.30
C GLN A 83 4.97 -14.42 -18.79
N LYS A 84 5.86 -14.41 -19.77
CA LYS A 84 6.41 -15.66 -20.35
C LYS A 84 7.61 -16.13 -19.53
N LEU A 85 8.31 -15.20 -18.91
CA LEU A 85 9.49 -15.51 -18.12
C LEU A 85 9.21 -16.58 -17.07
N PRO A 86 9.94 -17.70 -17.13
CA PRO A 86 9.71 -18.78 -16.15
C PRO A 86 9.80 -18.32 -14.70
N ALA A 87 10.69 -17.37 -14.43
CA ALA A 87 10.86 -16.85 -13.08
C ALA A 87 9.59 -16.25 -12.49
N CYS A 88 8.65 -15.84 -13.33
CA CYS A 88 7.41 -15.25 -12.81
C CYS A 88 6.27 -16.25 -12.62
N SER A 89 6.59 -17.53 -12.69
CA SER A 89 5.61 -18.60 -12.48
C SER A 89 4.30 -18.49 -13.26
N SER A 90 4.34 -17.88 -14.44
CA SER A 90 3.14 -17.74 -15.26
C SER A 90 1.98 -17.00 -14.58
N ILE A 91 2.31 -16.14 -13.63
CA ILE A 91 1.28 -15.36 -12.95
C ILE A 91 1.10 -14.11 -13.82
N MET A 92 0.04 -14.12 -14.62
CA MET A 92 -0.24 -13.05 -15.57
C MET A 92 -0.18 -11.60 -15.10
N ASP A 93 -0.71 -11.30 -13.92
CA ASP A 93 -0.70 -9.92 -13.44
C ASP A 93 0.61 -9.52 -12.77
N SER A 94 1.63 -10.36 -12.87
CA SER A 94 2.92 -10.07 -12.26
C SER A 94 3.52 -8.71 -12.59
N PRO A 95 3.65 -8.36 -13.87
CA PRO A 95 4.22 -7.05 -14.18
C PRO A 95 3.41 -5.85 -13.69
N TYR A 96 2.15 -6.06 -13.34
CA TYR A 96 1.31 -4.96 -12.88
C TYR A 96 1.30 -4.75 -11.38
N VAL A 97 1.36 -5.83 -10.62
CA VAL A 97 1.30 -5.73 -9.16
C VAL A 97 2.52 -6.21 -8.40
N LYS A 98 3.39 -6.98 -9.03
CA LYS A 98 4.60 -7.46 -8.37
C LYS A 98 5.43 -6.25 -7.88
N ILE A 99 5.72 -6.21 -6.58
CA ILE A 99 6.47 -5.11 -5.99
C ILE A 99 7.97 -5.34 -6.06
N TYR A 100 8.69 -4.43 -6.72
CA TYR A 100 10.12 -4.56 -6.86
C TYR A 100 10.85 -3.49 -6.07
N SER A 101 12.17 -3.60 -6.03
CA SER A 101 12.99 -2.65 -5.29
C SER A 101 13.83 -1.80 -6.24
N TYR A 102 13.59 -0.50 -6.21
CA TYR A 102 14.34 0.39 -7.08
C TYR A 102 14.80 1.61 -6.29
N ASP A 103 15.61 2.45 -6.93
CA ASP A 103 16.12 3.65 -6.30
C ASP A 103 16.06 4.83 -7.27
N CYS A 104 15.88 6.02 -6.74
CA CYS A 104 15.82 7.22 -7.56
C CYS A 104 16.77 8.25 -7.00
N SER A 105 17.66 8.79 -7.83
CA SER A 105 18.59 9.80 -7.39
C SER A 105 19.19 10.51 -8.60
N GLU A 106 19.11 11.84 -8.61
CA GLU A 106 19.64 12.62 -9.71
C GLU A 106 18.87 12.28 -10.99
N ARG A 107 17.55 12.21 -10.87
CA ARG A 107 16.68 11.88 -12.00
C ARG A 107 17.08 10.57 -12.68
N THR A 108 17.72 9.68 -11.94
CA THR A 108 18.14 8.40 -12.49
C THR A 108 17.53 7.26 -11.70
N VAL A 109 17.03 6.25 -12.42
CA VAL A 109 16.40 5.11 -11.78
C VAL A 109 17.26 3.88 -11.91
N THR A 110 17.39 3.13 -10.83
CA THR A 110 18.18 1.91 -10.83
C THR A 110 17.41 0.82 -10.08
N CYS A 111 17.55 -0.42 -10.54
CA CYS A 111 16.89 -1.54 -9.89
C CYS A 111 17.86 -2.25 -8.94
N LYS A 112 17.55 -2.20 -7.65
CA LYS A 112 18.38 -2.80 -6.61
C LYS A 112 18.63 -4.28 -6.85
N ALA A 113 19.74 -4.78 -6.31
CA ALA A 113 20.14 -6.17 -6.46
C ALA A 113 19.35 -7.12 -5.60
N ASP A 114 18.62 -6.58 -4.62
CA ASP A 114 17.84 -7.44 -3.75
C ASP A 114 16.51 -7.87 -4.39
N ASN A 115 16.43 -7.75 -5.71
CA ASN A 115 15.23 -8.15 -6.45
C ASN A 115 15.39 -9.58 -6.89
N ASP A 116 14.29 -10.35 -6.89
CA ASP A 116 14.36 -11.72 -7.36
C ASP A 116 14.29 -11.64 -8.88
N GLU A 117 14.53 -12.74 -9.57
CA GLU A 117 14.52 -12.73 -11.03
C GLU A 117 13.32 -12.05 -11.67
N CYS A 118 12.12 -12.45 -11.26
CA CYS A 118 10.91 -11.87 -11.82
C CYS A 118 10.76 -10.38 -11.54
N ALA A 119 10.92 -10.00 -10.28
CA ALA A 119 10.81 -8.61 -9.89
C ALA A 119 11.84 -7.74 -10.62
N ALA A 120 13.06 -8.26 -10.74
CA ALA A 120 14.14 -7.55 -11.41
C ALA A 120 13.82 -7.28 -12.87
N PHE A 121 13.27 -8.27 -13.57
CA PHE A 121 12.94 -8.11 -14.97
C PHE A 121 11.86 -7.05 -15.15
N ILE A 122 10.83 -7.12 -14.32
CA ILE A 122 9.73 -6.16 -14.36
C ILE A 122 10.25 -4.76 -14.04
N CYS A 123 11.15 -4.65 -13.06
CA CYS A 123 11.71 -3.37 -12.68
C CYS A 123 12.44 -2.74 -13.86
N ASN A 124 13.15 -3.55 -14.63
CA ASN A 124 13.88 -3.04 -15.78
C ASN A 124 12.95 -2.59 -16.90
N CYS A 125 11.79 -3.24 -17.01
CA CYS A 125 10.82 -2.86 -18.02
C CYS A 125 10.40 -1.41 -17.74
N ASP A 126 10.09 -1.13 -16.48
CA ASP A 126 9.67 0.20 -16.07
C ASP A 126 10.82 1.21 -16.11
N ARG A 127 11.98 0.79 -15.63
CA ARG A 127 13.16 1.65 -15.61
C ARG A 127 13.45 2.21 -16.99
N VAL A 128 13.53 1.31 -17.98
CA VAL A 128 13.80 1.69 -19.35
C VAL A 128 12.71 2.60 -19.90
N ALA A 129 11.45 2.27 -19.61
CA ALA A 129 10.32 3.07 -20.06
C ALA A 129 10.36 4.49 -19.47
N ALA A 130 10.59 4.60 -18.18
CA ALA A 130 10.65 5.90 -17.52
C ALA A 130 11.71 6.78 -18.15
N HIS A 131 12.88 6.21 -18.42
CA HIS A 131 13.96 6.98 -19.01
C HIS A 131 13.67 7.34 -20.46
N CYS A 132 12.98 6.44 -21.14
CA CYS A 132 12.59 6.64 -22.53
C CYS A 132 11.61 7.82 -22.61
N PHE A 133 10.67 7.88 -21.68
CA PHE A 133 9.70 8.96 -21.65
C PHE A 133 10.45 10.29 -21.50
N ALA A 134 11.34 10.35 -20.51
CA ALA A 134 12.12 11.56 -20.24
C ALA A 134 12.96 12.03 -21.42
N ALA A 135 13.39 11.12 -22.27
CA ALA A 135 14.20 11.49 -23.42
C ALA A 135 13.35 11.75 -24.66
N SER A 136 12.03 11.71 -24.52
CA SER A 136 11.16 11.91 -25.67
C SER A 136 10.28 13.14 -25.61
N PRO A 137 10.13 13.85 -26.74
CA PRO A 137 9.28 15.05 -26.74
C PRO A 137 7.81 14.63 -26.56
N TYR A 138 7.03 15.45 -25.87
CA TYR A 138 5.64 15.14 -25.65
C TYR A 138 4.77 15.97 -26.60
N ASN A 139 3.98 15.30 -27.43
CA ASN A 139 3.12 15.99 -28.38
C ASN A 139 1.68 15.94 -27.87
N ASN A 140 1.16 17.11 -27.54
CA ASN A 140 -0.20 17.22 -27.01
C ASN A 140 -1.29 16.66 -27.90
N ASN A 141 -1.10 16.76 -29.20
CA ASN A 141 -2.09 16.28 -30.15
C ASN A 141 -2.19 14.76 -30.16
N ASN A 142 -1.23 14.09 -29.51
CA ASN A 142 -1.24 12.63 -29.44
C ASN A 142 -1.76 12.12 -28.10
N TYR A 143 -2.25 13.03 -27.28
CA TYR A 143 -2.78 12.66 -25.97
C TYR A 143 -4.26 12.31 -26.11
N ASN A 144 -4.68 11.22 -25.45
CA ASN A 144 -6.07 10.80 -25.50
C ASN A 144 -6.67 10.86 -26.92
N ILE A 145 -6.01 10.23 -27.89
CA ILE A 145 -6.51 10.23 -29.27
C ILE A 145 -7.47 9.07 -29.50
N ASP A 146 -8.17 9.06 -30.63
CA ASP A 146 -9.10 7.96 -30.93
C ASP A 146 -8.33 6.83 -31.60
N THR A 147 -7.96 5.84 -30.79
CA THR A 147 -7.19 4.70 -31.25
C THR A 147 -7.87 3.93 -32.39
N THR A 148 -9.20 3.92 -32.38
CA THR A 148 -9.97 3.23 -33.40
C THR A 148 -10.11 4.08 -34.65
N THR A 149 -9.04 4.79 -35.00
CA THR A 149 -9.03 5.66 -36.17
C THR A 149 -7.60 6.00 -36.57
N ARG A 150 -6.73 6.17 -35.57
CA ARG A 150 -5.34 6.53 -35.82
C ARG A 150 -4.42 5.34 -35.61
N CYS A 151 -4.98 4.21 -35.20
CA CYS A 151 -4.16 3.02 -34.95
C CYS A 151 -4.57 1.81 -35.80
N HIS B 28 -7.53 2.26 -13.50
CA HIS B 28 -6.04 2.15 -13.42
C HIS B 28 -5.61 1.88 -11.96
N LEU B 29 -4.66 0.96 -11.80
CA LEU B 29 -4.14 0.57 -10.49
C LEU B 29 -3.74 1.75 -9.64
N ILE B 30 -3.25 2.80 -10.28
CA ILE B 30 -2.86 3.99 -9.53
C ILE B 30 -4.08 4.62 -8.87
N GLN B 31 -5.21 4.60 -9.58
CA GLN B 31 -6.45 5.15 -9.05
C GLN B 31 -6.98 4.25 -7.94
N PHE B 32 -6.81 2.94 -8.09
CA PHE B 32 -7.26 2.00 -7.07
C PHE B 32 -6.52 2.36 -5.78
N GLY B 33 -5.23 2.70 -5.92
CA GLY B 33 -4.43 3.07 -4.76
C GLY B 33 -4.98 4.29 -4.08
N ASN B 34 -5.42 5.25 -4.87
CA ASN B 34 -6.01 6.48 -4.31
C ASN B 34 -7.36 6.21 -3.63
N MET B 35 -8.13 5.27 -4.16
CA MET B 35 -9.40 4.91 -3.56
C MET B 35 -9.16 4.37 -2.16
N ILE B 36 -8.14 3.53 -2.02
CA ILE B 36 -7.80 2.96 -0.74
C ILE B 36 -7.47 4.08 0.23
N GLN B 37 -6.80 5.12 -0.28
CA GLN B 37 -6.44 6.25 0.55
C GLN B 37 -7.69 7.03 0.91
N CYS B 38 -8.73 6.89 0.11
CA CYS B 38 -9.98 7.58 0.34
C CYS B 38 -10.71 6.90 1.51
N THR B 39 -10.64 5.58 1.58
CA THR B 39 -11.31 4.83 2.64
C THR B 39 -10.38 4.36 3.75
N VAL B 40 -9.08 4.51 3.54
CA VAL B 40 -8.10 4.10 4.54
C VAL B 40 -6.97 5.12 4.70
N PRO B 41 -7.21 6.18 5.50
CA PRO B 41 -6.21 7.23 5.73
C PRO B 41 -4.87 6.69 6.22
N GLY B 42 -3.78 7.25 5.69
CA GLY B 42 -2.46 6.82 6.07
C GLY B 42 -1.44 7.13 4.99
N PHE B 43 -0.19 6.74 5.23
CA PHE B 43 0.86 6.98 4.25
C PHE B 43 1.21 5.68 3.52
N LEU B 44 1.02 5.67 2.21
CA LEU B 44 1.31 4.48 1.43
C LEU B 44 0.49 3.28 1.90
N SER B 45 -0.75 3.53 2.30
CA SER B 45 -1.60 2.46 2.77
C SER B 45 -1.74 1.36 1.72
N TRP B 46 -1.62 1.71 0.44
CA TRP B 46 -1.73 0.71 -0.61
C TRP B 46 -0.72 -0.43 -0.53
N ILE B 47 0.50 -0.14 -0.06
CA ILE B 47 1.59 -1.13 0.05
C ILE B 47 1.27 -2.32 0.94
N LYS B 48 0.55 -2.04 2.02
CA LYS B 48 0.12 -3.02 3.02
C LYS B 48 -1.04 -3.89 2.52
N TYR B 49 -1.63 -3.48 1.40
CA TYR B 49 -2.75 -4.21 0.81
C TYR B 49 -2.34 -4.81 -0.53
N ALA B 50 -1.08 -4.66 -0.89
CA ALA B 50 -0.57 -5.17 -2.16
C ALA B 50 0.07 -6.53 -2.00
N ASP B 51 0.49 -6.87 -0.80
CA ASP B 51 1.10 -8.16 -0.55
C ASP B 51 0.55 -8.68 0.76
N TYR B 52 -0.65 -9.24 0.70
CA TYR B 52 -1.33 -9.73 1.89
C TYR B 52 -2.14 -10.98 1.57
N GLY B 53 -2.17 -11.91 2.52
CA GLY B 53 -2.92 -13.14 2.35
C GLY B 53 -2.59 -13.90 1.07
N CYS B 54 -3.51 -14.77 0.67
CA CYS B 54 -3.32 -15.57 -0.52
C CYS B 54 -3.80 -14.90 -1.78
N TYR B 55 -4.54 -13.80 -1.65
CA TYR B 55 -5.08 -13.13 -2.82
C TYR B 55 -4.65 -11.69 -3.07
N CYS B 56 -4.33 -10.94 -2.03
CA CYS B 56 -3.90 -9.55 -2.23
C CYS B 56 -2.47 -9.56 -2.76
N GLY B 57 -2.31 -9.46 -4.07
CA GLY B 57 -0.97 -9.51 -4.66
C GLY B 57 -1.00 -10.46 -5.84
N ALA B 58 -0.01 -10.39 -6.71
CA ALA B 58 0.07 -11.25 -7.90
C ALA B 58 -0.63 -12.60 -7.78
N GLY B 59 -1.50 -12.92 -8.74
CA GLY B 59 -2.21 -14.18 -8.71
C GLY B 59 -3.00 -14.41 -7.44
N GLY B 60 -3.42 -15.65 -7.20
CA GLY B 60 -4.17 -15.95 -6.01
C GLY B 60 -4.60 -17.38 -6.07
N SER B 61 -4.61 -18.05 -4.93
CA SER B 61 -5.00 -19.45 -4.91
C SER B 61 -5.26 -19.90 -3.48
N GLY B 62 -5.86 -21.06 -3.33
CA GLY B 62 -6.13 -21.60 -2.01
C GLY B 62 -7.32 -20.94 -1.36
N THR B 63 -7.36 -21.00 -0.03
CA THR B 63 -8.44 -20.42 0.73
C THR B 63 -8.01 -19.09 1.34
N PRO B 64 -8.87 -18.06 1.23
CA PRO B 64 -8.53 -16.75 1.79
C PRO B 64 -8.22 -16.90 3.28
N VAL B 65 -7.09 -16.38 3.72
CA VAL B 65 -6.72 -16.49 5.13
C VAL B 65 -7.69 -15.77 6.06
N ASP B 66 -8.30 -14.69 5.61
CA ASP B 66 -9.23 -13.94 6.46
C ASP B 66 -10.16 -13.06 5.65
N LYS B 67 -10.96 -12.25 6.34
CA LYS B 67 -11.92 -11.39 5.66
C LYS B 67 -11.31 -10.43 4.65
N LEU B 68 -10.18 -9.82 4.99
CA LEU B 68 -9.53 -8.88 4.10
C LEU B 68 -9.06 -9.60 2.86
N ASP B 69 -8.48 -10.78 3.06
CA ASP B 69 -7.98 -11.59 1.95
C ASP B 69 -9.16 -11.92 1.06
N ARG B 70 -10.31 -12.13 1.70
CA ARG B 70 -11.54 -12.44 0.99
C ARG B 70 -11.90 -11.29 0.05
N CYS B 71 -11.66 -10.05 0.49
CA CYS B 71 -11.94 -8.87 -0.32
C CYS B 71 -11.14 -8.94 -1.62
N CYS B 72 -9.89 -9.36 -1.49
CA CYS B 72 -9.01 -9.48 -2.65
C CYS B 72 -9.43 -10.60 -3.59
N GLN B 73 -9.93 -11.70 -3.03
CA GLN B 73 -10.36 -12.81 -3.88
C GLN B 73 -11.47 -12.34 -4.79
N VAL B 74 -12.42 -11.60 -4.22
CA VAL B 74 -13.54 -11.08 -4.99
C VAL B 74 -13.01 -10.10 -6.05
N HIS B 75 -12.08 -9.24 -5.64
CA HIS B 75 -11.49 -8.26 -6.55
C HIS B 75 -10.82 -8.95 -7.74
N ASP B 76 -10.14 -10.07 -7.49
CA ASP B 76 -9.51 -10.83 -8.57
C ASP B 76 -10.58 -11.27 -9.55
N ASN B 77 -11.62 -11.95 -9.05
CA ASN B 77 -12.69 -12.42 -9.91
C ASN B 77 -13.27 -11.27 -10.71
N CYS B 78 -13.53 -10.16 -10.03
CA CYS B 78 -14.09 -9.00 -10.70
C CYS B 78 -13.23 -8.60 -11.90
N TYR B 79 -11.92 -8.61 -11.71
CA TYR B 79 -10.99 -8.27 -12.80
C TYR B 79 -11.06 -9.30 -13.92
N THR B 80 -11.24 -10.56 -13.56
CA THR B 80 -11.34 -11.63 -14.55
C THR B 80 -12.62 -11.42 -15.36
N GLN B 81 -13.66 -10.94 -14.69
CA GLN B 81 -14.93 -10.69 -15.36
C GLN B 81 -14.80 -9.52 -16.33
N ALA B 82 -13.98 -8.55 -15.96
CA ALA B 82 -13.77 -7.36 -16.81
C ALA B 82 -13.10 -7.75 -18.12
N GLN B 83 -12.15 -8.70 -18.04
CA GLN B 83 -11.44 -9.18 -19.22
C GLN B 83 -12.37 -9.95 -20.16
N LYS B 84 -13.41 -10.55 -19.59
CA LYS B 84 -14.39 -11.32 -20.36
C LYS B 84 -15.48 -10.40 -20.91
N LEU B 85 -15.74 -9.31 -20.19
CA LEU B 85 -16.77 -8.35 -20.58
C LEU B 85 -16.60 -7.86 -22.02
N PRO B 86 -17.61 -8.07 -22.87
CA PRO B 86 -17.52 -7.64 -24.27
C PRO B 86 -17.17 -6.16 -24.42
N ALA B 87 -17.66 -5.34 -23.50
CA ALA B 87 -17.40 -3.90 -23.55
C ALA B 87 -15.91 -3.56 -23.46
N CYS B 88 -15.08 -4.46 -22.94
CA CYS B 88 -13.65 -4.18 -22.84
C CYS B 88 -12.83 -4.67 -24.04
N SER B 89 -13.51 -5.08 -25.09
CA SER B 89 -12.86 -5.55 -26.32
C SER B 89 -11.77 -6.61 -26.16
N SER B 90 -11.87 -7.43 -25.11
CA SER B 90 -10.89 -8.49 -24.89
C SER B 90 -9.45 -7.99 -24.70
N ILE B 91 -9.29 -6.74 -24.28
CA ILE B 91 -7.97 -6.18 -24.04
C ILE B 91 -7.63 -6.59 -22.60
N MET B 92 -6.84 -7.64 -22.47
CA MET B 92 -6.46 -8.21 -21.18
C MET B 92 -6.00 -7.27 -20.07
N ASP B 93 -5.15 -6.28 -20.37
CA ASP B 93 -4.67 -5.38 -19.33
C ASP B 93 -5.64 -4.24 -18.99
N SER B 94 -6.86 -4.32 -19.52
CA SER B 94 -7.86 -3.27 -19.27
C SER B 94 -8.09 -2.93 -17.80
N PRO B 95 -8.39 -3.93 -16.95
CA PRO B 95 -8.62 -3.59 -15.54
C PRO B 95 -7.42 -2.98 -14.81
N TYR B 96 -6.21 -3.13 -15.35
CA TYR B 96 -5.02 -2.60 -14.70
C TYR B 96 -4.64 -1.19 -15.12
N VAL B 97 -4.85 -0.87 -16.40
CA VAL B 97 -4.47 0.45 -16.90
C VAL B 97 -5.58 1.35 -17.41
N LYS B 98 -6.75 0.78 -17.70
CA LYS B 98 -7.89 1.58 -18.17
C LYS B 98 -8.21 2.67 -17.13
N ILE B 99 -8.21 3.92 -17.57
CA ILE B 99 -8.48 5.05 -16.69
C ILE B 99 -9.97 5.36 -16.59
N TYR B 100 -10.51 5.28 -15.37
CA TYR B 100 -11.92 5.56 -15.17
C TYR B 100 -12.11 6.84 -14.39
N SER B 101 -13.36 7.25 -14.26
CA SER B 101 -13.70 8.47 -13.55
C SER B 101 -14.45 8.16 -12.26
N TYR B 102 -13.87 8.55 -11.13
CA TYR B 102 -14.49 8.30 -9.85
C TYR B 102 -14.41 9.55 -8.98
N ASP B 103 -15.04 9.51 -7.83
CA ASP B 103 -15.05 10.64 -6.91
C ASP B 103 -14.87 10.15 -5.49
N CYS B 104 -14.24 10.97 -4.66
CA CYS B 104 -14.03 10.62 -3.27
C CYS B 104 -14.49 11.77 -2.39
N SER B 105 -15.32 11.48 -1.40
CA SER B 105 -15.82 12.50 -0.49
C SER B 105 -16.45 11.83 0.72
N GLU B 106 -15.99 12.24 1.90
CA GLU B 106 -16.50 11.69 3.15
C GLU B 106 -16.15 10.20 3.21
N ARG B 107 -14.90 9.88 2.86
CA ARG B 107 -14.43 8.50 2.89
C ARG B 107 -15.30 7.56 2.05
N THR B 108 -16.00 8.11 1.06
CA THR B 108 -16.85 7.31 0.21
C THR B 108 -16.41 7.46 -1.24
N VAL B 109 -16.40 6.35 -1.96
CA VAL B 109 -16.02 6.33 -3.36
C VAL B 109 -17.22 6.06 -4.24
N THR B 110 -17.33 6.80 -5.34
CA THR B 110 -18.41 6.63 -6.28
C THR B 110 -17.85 6.71 -7.69
N CYS B 111 -18.44 5.94 -8.61
CA CYS B 111 -17.99 5.93 -9.98
C CYS B 111 -18.89 6.83 -10.81
N LYS B 112 -18.32 7.90 -11.35
CA LYS B 112 -19.07 8.87 -12.16
C LYS B 112 -19.79 8.23 -13.35
N ALA B 113 -20.85 8.89 -13.79
CA ALA B 113 -21.65 8.40 -14.91
C ALA B 113 -20.99 8.61 -16.27
N ASP B 114 -19.97 9.44 -16.33
CA ASP B 114 -19.29 9.70 -17.60
C ASP B 114 -18.31 8.59 -17.96
N ASN B 115 -18.48 7.42 -17.34
CA ASN B 115 -17.62 6.27 -17.61
C ASN B 115 -18.27 5.41 -18.69
N ASP B 116 -17.46 4.85 -19.58
CA ASP B 116 -18.01 3.97 -20.61
C ASP B 116 -18.25 2.64 -19.93
N GLU B 117 -18.92 1.71 -20.60
CA GLU B 117 -19.21 0.41 -20.00
C GLU B 117 -18.03 -0.29 -19.35
N CYS B 118 -16.94 -0.42 -20.10
CA CYS B 118 -15.76 -1.10 -19.59
C CYS B 118 -15.14 -0.37 -18.39
N ALA B 119 -14.92 0.93 -18.53
CA ALA B 119 -14.34 1.72 -17.46
C ALA B 119 -15.20 1.64 -16.21
N ALA B 120 -16.52 1.75 -16.40
CA ALA B 120 -17.46 1.72 -15.29
C ALA B 120 -17.41 0.40 -14.50
N PHE B 121 -17.30 -0.71 -15.21
CA PHE B 121 -17.24 -2.01 -14.56
C PHE B 121 -15.96 -2.12 -13.73
N ILE B 122 -14.85 -1.72 -14.33
CA ILE B 122 -13.56 -1.76 -13.65
C ILE B 122 -13.57 -0.86 -12.43
N CYS B 123 -14.19 0.31 -12.56
CA CYS B 123 -14.27 1.26 -11.46
C CYS B 123 -15.02 0.65 -10.28
N ASN B 124 -16.08 -0.10 -10.57
CA ASN B 124 -16.85 -0.74 -9.51
C ASN B 124 -16.08 -1.87 -8.85
N CYS B 125 -15.20 -2.52 -9.59
CA CYS B 125 -14.38 -3.59 -9.03
C CYS B 125 -13.53 -2.98 -7.93
N ASP B 126 -12.89 -1.87 -8.24
CA ASP B 126 -12.03 -1.18 -7.28
C ASP B 126 -12.82 -0.54 -6.14
N ARG B 127 -13.93 0.13 -6.48
CA ARG B 127 -14.78 0.79 -5.50
C ARG B 127 -15.19 -0.19 -4.40
N VAL B 128 -15.72 -1.34 -4.80
CA VAL B 128 -16.15 -2.36 -3.86
C VAL B 128 -14.97 -2.86 -3.03
N ALA B 129 -13.83 -3.07 -3.68
CA ALA B 129 -12.65 -3.53 -2.99
C ALA B 129 -12.16 -2.54 -1.94
N ALA B 130 -12.09 -1.27 -2.32
CA ALA B 130 -11.63 -0.23 -1.40
C ALA B 130 -12.50 -0.18 -0.16
N HIS B 131 -13.81 -0.29 -0.35
CA HIS B 131 -14.73 -0.24 0.78
C HIS B 131 -14.65 -1.50 1.63
N CYS B 132 -14.40 -2.62 0.97
CA CYS B 132 -14.28 -3.90 1.64
C CYS B 132 -13.05 -3.87 2.55
N PHE B 133 -11.96 -3.29 2.06
CA PHE B 133 -10.74 -3.19 2.84
C PHE B 133 -11.03 -2.38 4.10
N ALA B 134 -11.65 -1.21 3.91
CA ALA B 134 -11.97 -0.33 5.03
C ALA B 134 -12.86 -0.98 6.09
N ALA B 135 -13.70 -1.91 5.69
CA ALA B 135 -14.59 -2.57 6.63
C ALA B 135 -14.00 -3.85 7.20
N SER B 136 -12.74 -4.13 6.89
CA SER B 136 -12.11 -5.36 7.36
C SER B 136 -10.92 -5.16 8.28
N PRO B 137 -10.82 -5.96 9.34
CA PRO B 137 -9.69 -5.82 10.25
C PRO B 137 -8.40 -6.24 9.53
N TYR B 138 -7.30 -5.58 9.85
CA TYR B 138 -6.03 -5.90 9.23
C TYR B 138 -5.20 -6.73 10.21
N ASN B 139 -4.82 -7.94 9.80
CA ASN B 139 -4.02 -8.81 10.65
C ASN B 139 -2.59 -8.80 10.15
N ASN B 140 -1.69 -8.28 10.97
CA ASN B 140 -0.27 -8.18 10.62
C ASN B 140 0.40 -9.49 10.27
N ASN B 141 -0.03 -10.55 10.91
CA ASN B 141 0.57 -11.86 10.67
C ASN B 141 0.22 -12.42 9.31
N ASN B 142 -0.70 -11.76 8.60
CA ASN B 142 -1.11 -12.20 7.28
C ASN B 142 -0.50 -11.32 6.19
N TYR B 143 0.40 -10.43 6.58
CA TYR B 143 1.07 -9.57 5.62
C TYR B 143 2.31 -10.27 5.09
N ASN B 144 2.55 -10.17 3.79
CA ASN B 144 3.73 -10.78 3.18
C ASN B 144 4.02 -12.18 3.69
N ILE B 145 3.02 -13.07 3.62
CA ILE B 145 3.19 -14.46 4.08
C ILE B 145 3.69 -15.34 2.95
N ASP B 146 4.10 -16.57 3.27
CA ASP B 146 4.59 -17.49 2.25
C ASP B 146 3.42 -18.23 1.62
N THR B 147 2.97 -17.72 0.48
CA THR B 147 1.84 -18.29 -0.22
C THR B 147 2.02 -19.77 -0.58
N THR B 148 3.26 -20.16 -0.84
CA THR B 148 3.56 -21.53 -1.20
C THR B 148 3.67 -22.42 0.04
N THR B 149 2.80 -22.16 1.01
CA THR B 149 2.80 -22.92 2.26
C THR B 149 1.47 -22.73 2.99
N ARG B 150 0.92 -21.51 2.92
CA ARG B 150 -0.33 -21.20 3.60
C ARG B 150 -1.50 -21.15 2.61
N CYS B 151 -1.21 -21.29 1.32
CA CYS B 151 -2.25 -21.23 0.30
C CYS B 151 -2.39 -22.52 -0.51
N HIS C 28 11.66 6.96 25.97
CA HIS C 28 11.27 8.15 25.17
C HIS C 28 10.26 7.75 24.08
N LEU C 29 9.24 8.57 23.89
CA LEU C 29 8.20 8.32 22.90
C LEU C 29 8.75 8.00 21.51
N ILE C 30 9.87 8.62 21.16
CA ILE C 30 10.47 8.37 19.86
C ILE C 30 10.91 6.91 19.78
N GLN C 31 11.42 6.38 20.89
CA GLN C 31 11.86 4.99 20.95
C GLN C 31 10.65 4.07 20.91
N PHE C 32 9.56 4.49 21.54
CA PHE C 32 8.34 3.69 21.54
C PHE C 32 7.91 3.52 20.08
N GLY C 33 8.03 4.60 19.31
CA GLY C 33 7.67 4.55 17.91
C GLY C 33 8.53 3.53 17.17
N ASN C 34 9.82 3.48 17.48
CA ASN C 34 10.71 2.55 16.82
C ASN C 34 10.40 1.11 17.21
N MET C 35 9.94 0.91 18.44
CA MET C 35 9.58 -0.44 18.90
C MET C 35 8.42 -0.94 18.05
N ILE C 36 7.45 -0.05 17.82
CA ILE C 36 6.29 -0.42 17.02
C ILE C 36 6.76 -0.81 15.64
N GLN C 37 7.78 -0.11 15.13
CA GLN C 37 8.30 -0.43 13.82
C GLN C 37 9.04 -1.77 13.87
N CYS C 38 9.45 -2.16 15.07
CA CYS C 38 10.15 -3.42 15.24
C CYS C 38 9.17 -4.59 15.19
N THR C 39 8.01 -4.42 15.81
CA THR C 39 7.01 -5.48 15.85
C THR C 39 5.94 -5.38 14.76
N VAL C 40 5.67 -4.18 14.26
CA VAL C 40 4.63 -4.01 13.25
C VAL C 40 5.11 -3.58 11.85
N PRO C 41 5.15 -4.54 10.90
CA PRO C 41 5.60 -4.23 9.53
C PRO C 41 4.78 -3.09 8.92
N GLY C 42 5.42 -1.95 8.66
CA GLY C 42 4.68 -0.84 8.09
C GLY C 42 5.54 0.35 7.70
N PHE C 43 4.87 1.44 7.34
CA PHE C 43 5.51 2.68 6.91
C PHE C 43 5.72 3.64 8.09
N LEU C 44 4.80 4.58 8.25
CA LEU C 44 4.86 5.52 9.37
C LEU C 44 3.81 4.98 10.32
N SER C 45 3.88 3.67 10.53
CA SER C 45 2.96 2.96 11.41
C SER C 45 3.00 3.41 12.87
N TRP C 46 3.15 4.71 13.11
CA TRP C 46 3.12 5.21 14.49
C TRP C 46 1.90 6.12 14.58
N ILE C 47 1.64 6.83 13.48
CA ILE C 47 0.52 7.75 13.38
C ILE C 47 -0.83 7.00 13.44
N LYS C 48 -0.82 5.75 13.00
CA LYS C 48 -2.03 4.93 13.00
C LYS C 48 -2.32 4.36 14.39
N TYR C 49 -1.35 4.42 15.28
CA TYR C 49 -1.50 3.92 16.63
C TYR C 49 -1.46 5.07 17.63
N ALA C 50 -1.36 6.29 17.12
CA ALA C 50 -1.30 7.46 17.97
C ALA C 50 -2.67 8.09 18.18
N ASP C 51 -3.58 7.84 17.25
CA ASP C 51 -4.92 8.39 17.39
C ASP C 51 -5.91 7.29 17.04
N TYR C 52 -6.13 6.39 17.99
CA TYR C 52 -7.01 5.25 17.79
C TYR C 52 -7.81 4.94 19.04
N GLY C 53 -9.06 4.53 18.86
CA GLY C 53 -9.90 4.18 19.98
C GLY C 53 -10.03 5.26 21.04
N CYS C 54 -10.43 4.84 22.23
CA CYS C 54 -10.61 5.78 23.32
C CYS C 54 -9.34 5.99 24.13
N TYR C 55 -8.34 5.13 23.94
CA TYR C 55 -7.12 5.23 24.70
C TYR C 55 -5.82 5.54 23.96
N CYS C 56 -5.71 5.12 22.70
CA CYS C 56 -4.49 5.40 21.95
C CYS C 56 -4.49 6.86 21.52
N GLY C 57 -3.84 7.71 22.31
CA GLY C 57 -3.81 9.12 22.00
C GLY C 57 -4.07 9.88 23.29
N ALA C 58 -3.78 11.18 23.29
CA ALA C 58 -3.97 12.02 24.48
C ALA C 58 -5.10 11.56 25.42
N GLY C 59 -4.76 11.43 26.70
CA GLY C 59 -5.75 11.01 27.68
C GLY C 59 -6.42 9.68 27.34
N GLY C 60 -7.49 9.37 28.03
CA GLY C 60 -8.19 8.12 27.77
C GLY C 60 -9.35 8.00 28.74
N SER C 61 -10.47 7.46 28.27
CA SER C 61 -11.62 7.32 29.14
C SER C 61 -12.62 6.39 28.50
N GLY C 62 -13.64 6.00 29.27
CA GLY C 62 -14.66 5.12 28.75
C GLY C 62 -14.21 3.69 28.63
N THR C 63 -14.89 2.94 27.78
CA THR C 63 -14.56 1.54 27.56
C THR C 63 -13.76 1.37 26.27
N PRO C 64 -12.67 0.60 26.33
CA PRO C 64 -11.85 0.37 25.13
C PRO C 64 -12.73 -0.18 24.00
N VAL C 65 -12.67 0.44 22.82
CA VAL C 65 -13.48 -0.01 21.70
C VAL C 65 -13.16 -1.42 21.24
N ASP C 66 -11.89 -1.83 21.37
CA ASP C 66 -11.49 -3.16 20.94
C ASP C 66 -10.17 -3.60 21.57
N LYS C 67 -9.67 -4.77 21.17
CA LYS C 67 -8.44 -5.30 21.74
C LYS C 67 -7.23 -4.37 21.64
N LEU C 68 -7.06 -3.73 20.49
CA LEU C 68 -5.94 -2.82 20.30
C LEU C 68 -6.06 -1.64 21.27
N ASP C 69 -7.27 -1.08 21.34
CA ASP C 69 -7.54 0.03 22.24
C ASP C 69 -7.21 -0.43 23.65
N ARG C 70 -7.50 -1.69 23.95
CA ARG C 70 -7.23 -2.27 25.26
C ARG C 70 -5.73 -2.20 25.53
N CYS C 71 -4.92 -2.42 24.50
CA CYS C 71 -3.47 -2.37 24.64
C CYS C 71 -3.06 -0.99 25.15
N CYS C 72 -3.68 0.04 24.58
CA CYS C 72 -3.38 1.40 24.96
C CYS C 72 -3.84 1.73 26.37
N GLN C 73 -4.97 1.17 26.79
CA GLN C 73 -5.46 1.43 28.14
C GLN C 73 -4.41 0.97 29.15
N VAL C 74 -3.91 -0.24 28.94
CA VAL C 74 -2.90 -0.81 29.82
C VAL C 74 -1.65 0.07 29.78
N HIS C 75 -1.25 0.50 28.58
CA HIS C 75 -0.09 1.35 28.41
C HIS C 75 -0.22 2.66 29.19
N ASP C 76 -1.43 3.21 29.20
CA ASP C 76 -1.68 4.45 29.97
C ASP C 76 -1.43 4.18 31.44
N ASN C 77 -2.06 3.13 31.97
CA ASN C 77 -1.89 2.78 33.37
C ASN C 77 -0.42 2.60 33.69
N CYS C 78 0.28 1.86 32.83
CA CYS C 78 1.69 1.60 33.04
C CYS C 78 2.45 2.90 33.21
N TYR C 79 2.13 3.89 32.38
CA TYR C 79 2.77 5.20 32.45
C TYR C 79 2.43 5.90 33.76
N THR C 80 1.19 5.73 34.21
CA THR C 80 0.76 6.35 35.46
C THR C 80 1.53 5.72 36.62
N GLN C 81 1.80 4.42 36.49
CA GLN C 81 2.55 3.71 37.51
C GLN C 81 4.00 4.18 37.55
N ALA C 82 4.54 4.53 36.38
CA ALA C 82 5.92 5.01 36.28
C ALA C 82 6.08 6.35 37.00
N GLN C 83 5.07 7.20 36.90
CA GLN C 83 5.09 8.51 37.55
C GLN C 83 5.03 8.37 39.07
N LYS C 84 4.42 7.28 39.53
CA LYS C 84 4.29 7.01 40.96
C LYS C 84 5.53 6.28 41.48
N LEU C 85 6.16 5.51 40.61
CA LEU C 85 7.35 4.75 40.97
C LEU C 85 8.42 5.63 41.64
N PRO C 86 8.81 5.28 42.88
CA PRO C 86 9.83 6.07 43.58
C PRO C 86 11.12 6.25 42.78
N ALA C 87 11.49 5.21 42.03
CA ALA C 87 12.71 5.26 41.24
C ALA C 87 12.72 6.39 40.21
N CYS C 88 11.55 6.91 39.84
CA CYS C 88 11.51 7.98 38.85
C CYS C 88 11.50 9.39 39.47
N SER C 89 11.77 9.47 40.77
CA SER C 89 11.83 10.75 41.46
C SER C 89 10.65 11.70 41.25
N SER C 90 9.46 11.17 41.00
CA SER C 90 8.28 12.01 40.81
C SER C 90 8.38 13.02 39.67
N ILE C 91 9.24 12.72 38.69
CA ILE C 91 9.38 13.58 37.53
C ILE C 91 8.29 13.13 36.55
N MET C 92 7.19 13.88 36.53
CA MET C 92 6.03 13.57 35.71
C MET C 92 6.23 13.18 34.25
N ASP C 93 7.08 13.91 33.52
CA ASP C 93 7.29 13.60 32.11
C ASP C 93 8.28 12.46 31.87
N SER C 94 8.67 11.76 32.93
CA SER C 94 9.62 10.66 32.80
C SER C 94 9.27 9.61 31.75
N PRO C 95 8.06 9.03 31.81
CA PRO C 95 7.73 8.02 30.79
C PRO C 95 7.70 8.52 29.35
N TYR C 96 7.64 9.83 29.15
CA TYR C 96 7.59 10.38 27.80
C TYR C 96 8.94 10.73 27.20
N VAL C 97 9.86 11.22 28.03
CA VAL C 97 11.17 11.62 27.53
C VAL C 97 12.37 10.85 28.06
N LYS C 98 12.22 10.14 29.17
CA LYS C 98 13.32 9.35 29.72
C LYS C 98 13.83 8.35 28.66
N ILE C 99 15.12 8.43 28.35
CA ILE C 99 15.73 7.56 27.36
C ILE C 99 16.20 6.24 27.94
N TYR C 100 15.66 5.14 27.44
CA TYR C 100 16.04 3.83 27.93
C TYR C 100 16.81 3.06 26.89
N SER C 101 17.31 1.89 27.30
CA SER C 101 18.09 1.04 26.42
C SER C 101 17.34 -0.24 26.07
N TYR C 102 17.06 -0.44 24.78
CA TYR C 102 16.35 -1.62 24.35
C TYR C 102 17.01 -2.20 23.12
N ASP C 103 16.53 -3.37 22.70
CA ASP C 103 17.07 -4.03 21.53
C ASP C 103 15.94 -4.60 20.68
N CYS C 104 16.17 -4.65 19.37
CA CYS C 104 15.17 -5.19 18.46
C CYS C 104 15.84 -6.22 17.55
N SER C 105 15.26 -7.42 17.49
CA SER C 105 15.79 -8.47 16.64
C SER C 105 14.75 -9.57 16.46
N GLU C 106 14.47 -9.89 15.20
CA GLU C 106 13.49 -10.92 14.89
C GLU C 106 12.12 -10.45 15.38
N ARG C 107 11.79 -9.18 15.08
CA ARG C 107 10.52 -8.61 15.47
C ARG C 107 10.24 -8.75 16.97
N THR C 108 11.31 -8.86 17.76
CA THR C 108 11.16 -8.99 19.20
C THR C 108 11.89 -7.85 19.90
N VAL C 109 11.25 -7.28 20.91
CA VAL C 109 11.83 -6.18 21.67
C VAL C 109 12.21 -6.64 23.07
N THR C 110 13.39 -6.24 23.51
CA THR C 110 13.87 -6.59 24.84
C THR C 110 14.51 -5.35 25.48
N CYS C 111 14.35 -5.22 26.78
CA CYS C 111 14.93 -4.10 27.50
C CYS C 111 16.25 -4.51 28.13
N LYS C 112 17.34 -3.87 27.68
CA LYS C 112 18.69 -4.17 28.16
C LYS C 112 18.82 -4.02 29.68
N ALA C 113 19.77 -4.75 30.25
CA ALA C 113 20.01 -4.73 31.69
C ALA C 113 20.72 -3.46 32.18
N ASP C 114 21.31 -2.70 31.25
CA ASP C 114 22.01 -1.48 31.64
C ASP C 114 21.05 -0.32 31.89
N ASN C 115 19.78 -0.64 32.10
CA ASN C 115 18.76 0.38 32.37
C ASN C 115 18.65 0.57 33.88
N ASP C 116 18.42 1.80 34.32
CA ASP C 116 18.26 2.03 35.75
C ASP C 116 16.80 1.66 36.05
N GLU C 117 16.45 1.59 37.33
CA GLU C 117 15.09 1.19 37.70
C GLU C 117 13.97 1.92 36.95
N CYS C 118 14.02 3.25 36.94
CA CYS C 118 12.99 4.03 36.27
C CYS C 118 12.95 3.77 34.75
N ALA C 119 14.11 3.84 34.11
CA ALA C 119 14.20 3.63 32.67
C ALA C 119 13.70 2.23 32.31
N ALA C 120 14.09 1.25 33.11
CA ALA C 120 13.69 -0.14 32.87
C ALA C 120 12.18 -0.34 32.94
N PHE C 121 11.53 0.31 33.90
CA PHE C 121 10.09 0.16 34.04
C PHE C 121 9.38 0.76 32.84
N ILE C 122 9.81 1.96 32.46
CA ILE C 122 9.24 2.66 31.31
C ILE C 122 9.45 1.85 30.03
N CYS C 123 10.63 1.25 29.90
CA CYS C 123 10.96 0.44 28.73
C CYS C 123 10.01 -0.73 28.61
N ASN C 124 9.66 -1.34 29.75
CA ASN C 124 8.75 -2.48 29.74
C ASN C 124 7.32 -2.05 29.41
N CYS C 125 6.97 -0.83 29.77
CA CYS C 125 5.64 -0.32 29.44
C CYS C 125 5.50 -0.32 27.94
N ASP C 126 6.51 0.22 27.25
CA ASP C 126 6.50 0.31 25.81
C ASP C 126 6.66 -1.06 25.15
N ARG C 127 7.57 -1.87 25.68
CA ARG C 127 7.83 -3.20 25.15
C ARG C 127 6.54 -4.02 25.07
N VAL C 128 5.81 -4.05 26.17
CA VAL C 128 4.57 -4.79 26.26
C VAL C 128 3.53 -4.23 25.30
N ALA C 129 3.46 -2.91 25.22
CA ALA C 129 2.51 -2.24 24.33
C ALA C 129 2.81 -2.57 22.87
N ALA C 130 4.07 -2.47 22.47
CA ALA C 130 4.49 -2.74 21.11
C ALA C 130 4.10 -4.15 20.69
N HIS C 131 4.33 -5.11 21.57
CA HIS C 131 3.99 -6.49 21.26
C HIS C 131 2.49 -6.72 21.23
N CYS C 132 1.78 -5.98 22.09
CA CYS C 132 0.33 -6.07 22.18
C CYS C 132 -0.27 -5.57 20.88
N PHE C 133 0.27 -4.48 20.36
CA PHE C 133 -0.22 -3.91 19.10
C PHE C 133 -0.07 -4.97 18.00
N ALA C 134 1.13 -5.54 17.90
CA ALA C 134 1.43 -6.53 16.89
C ALA C 134 0.52 -7.75 16.94
N ALA C 135 0.04 -8.10 18.12
CA ALA C 135 -0.81 -9.26 18.26
C ALA C 135 -2.29 -8.92 18.14
N SER C 136 -2.59 -7.67 17.85
CA SER C 136 -3.99 -7.24 17.76
C SER C 136 -4.44 -6.79 16.39
N PRO C 137 -5.66 -7.19 16.00
CA PRO C 137 -6.15 -6.78 14.68
C PRO C 137 -6.38 -5.26 14.69
N TYR C 138 -6.17 -4.62 13.54
CA TYR C 138 -6.37 -3.18 13.44
C TYR C 138 -7.68 -2.93 12.71
N ASN C 139 -8.60 -2.23 13.36
CA ASN C 139 -9.89 -1.91 12.77
C ASN C 139 -9.89 -0.45 12.32
N ASN C 140 -9.98 -0.23 11.02
CA ASN C 140 -9.96 1.12 10.46
C ASN C 140 -11.05 2.04 10.94
N ASN C 141 -12.21 1.48 11.26
CA ASN C 141 -13.33 2.28 11.71
C ASN C 141 -13.10 2.82 13.12
N ASN C 142 -12.05 2.36 13.78
CA ASN C 142 -11.73 2.81 15.13
C ASN C 142 -10.57 3.80 15.13
N TYR C 143 -10.14 4.22 13.95
CA TYR C 143 -9.06 5.17 13.83
C TYR C 143 -9.61 6.58 13.86
N ASN C 144 -8.96 7.47 14.59
CA ASN C 144 -9.38 8.86 14.65
C ASN C 144 -10.90 9.01 14.82
N ILE C 145 -11.47 8.35 15.83
CA ILE C 145 -12.91 8.43 16.09
C ILE C 145 -13.22 9.60 17.02
N ASP C 146 -14.50 9.95 17.15
CA ASP C 146 -14.89 11.04 18.04
C ASP C 146 -15.05 10.52 19.46
N THR C 147 -14.00 10.70 20.26
CA THR C 147 -13.98 10.23 21.63
C THR C 147 -15.11 10.78 22.50
N THR C 148 -15.54 12.00 22.19
CA THR C 148 -16.63 12.63 22.94
C THR C 148 -17.98 12.16 22.44
N THR C 149 -18.07 10.88 22.11
CA THR C 149 -19.31 10.28 21.62
C THR C 149 -19.27 8.76 21.73
N ARG C 150 -18.09 8.19 21.50
CA ARG C 150 -17.92 6.75 21.57
C ARG C 150 -17.20 6.32 22.85
N CYS C 151 -16.79 7.29 23.65
CA CYS C 151 -16.08 6.99 24.89
C CYS C 151 -16.80 7.49 26.14
#